data_2C0N
#
_entry.id   2C0N
#
_cell.length_a   66.422
_cell.length_b   70.560
_cell.length_c   81.266
_cell.angle_alpha   90.00
_cell.angle_beta   90.00
_cell.angle_gamma   90.00
#
_symmetry.space_group_name_H-M   'I 2 2 2'
#
loop_
_entity.id
_entity.type
_entity.pdbx_description
1 polymer A197
2 non-polymer '1,4-DIETHYLENE DIOXIDE'
3 non-polymer 'SULFATE ION'
4 non-polymer 'NICKEL (II) ION'
5 water water
#
_entity_poly.entity_id   1
_entity_poly.type   'polypeptide(L)'
_entity_poly.pdbx_seq_one_letter_code
;(MSE)RTLFFIPS(MSE)GSVRLPLIDFLVKNDIEYVILSRRNHVAVQREIALD(MSE)FLE(MSE)KDYDTLAFLDEDV
VPIEIDFQKVEAKFNEGYDVVCGYYYLKTLRGYSVYRKDWEKEIFDGEVNGCGLGFTFIKREFLEKIKRPAFLAFKPIES
PHWIGEDVYFFSTHKPRTYALSSLKAYHFIDERLALSPDRKLILQNDHVARIKHHHHHH
;
_entity_poly.pdbx_strand_id   A
#
# COMPACT_ATOMS: atom_id res chain seq x y z
N ARG A 2 13.93 -1.56 7.02
CA ARG A 2 13.11 -0.62 7.76
C ARG A 2 12.18 0.13 6.81
N THR A 3 10.89 0.08 7.12
CA THR A 3 9.84 0.55 6.25
C THR A 3 9.14 1.74 6.86
N LEU A 4 8.96 2.76 6.03
CA LEU A 4 8.19 3.93 6.38
C LEU A 4 6.92 3.93 5.53
N PHE A 5 5.79 3.84 6.24
CA PHE A 5 4.47 3.85 5.60
C PHE A 5 4.00 5.29 5.33
N PHE A 6 3.54 5.54 4.12
CA PHE A 6 2.95 6.83 3.78
C PHE A 6 1.51 6.55 3.43
N ILE A 7 0.61 7.21 4.16
CA ILE A 7 -0.80 6.97 4.07
C ILE A 7 -1.50 8.25 3.57
N PRO A 8 -1.89 8.31 2.28
CA PRO A 8 -2.62 9.47 1.75
C PRO A 8 -3.99 9.52 2.40
N SER A 9 -4.31 10.61 3.06
CA SER A 9 -5.65 10.71 3.66
C SER A 9 -6.43 11.89 3.16
N GLY A 11 -7.89 13.62 5.67
CA GLY A 11 -7.88 14.33 6.94
C GLY A 11 -8.34 13.51 8.14
N SER A 12 -8.72 12.27 7.91
CA SER A 12 -9.03 11.38 9.03
C SER A 12 -8.56 9.97 8.72
N VAL A 13 -8.44 9.17 9.77
CA VAL A 13 -8.09 7.76 9.63
C VAL A 13 -9.15 6.89 10.35
N ARG A 14 -9.69 5.93 9.62
CA ARG A 14 -10.69 5.00 10.17
C ARG A 14 -10.06 4.12 11.26
N LEU A 15 -10.87 3.71 12.21
CA LEU A 15 -10.41 2.96 13.36
C LEU A 15 -9.68 1.68 13.01
N PRO A 16 -10.23 0.91 12.10
CA PRO A 16 -9.51 -0.34 11.73
C PRO A 16 -8.07 -0.11 11.27
N LEU A 17 -7.77 0.99 10.57
CA LEU A 17 -6.39 1.31 10.21
C LEU A 17 -5.55 1.78 11.42
N ILE A 18 -6.13 2.57 12.33
CA ILE A 18 -5.46 2.93 13.56
C ILE A 18 -5.05 1.69 14.31
N ASP A 19 -5.95 0.72 14.38
CA ASP A 19 -5.64 -0.54 15.10
C ASP A 19 -4.47 -1.29 14.49
N PHE A 20 -4.45 -1.38 13.16
CA PHE A 20 -3.34 -1.99 12.46
C PHE A 20 -2.04 -1.24 12.79
N LEU A 21 -2.08 0.10 12.74
CA LEU A 21 -0.89 0.93 13.02
C LEU A 21 -0.32 0.72 14.42
N VAL A 22 -1.20 0.65 15.43
CA VAL A 22 -0.81 0.48 16.82
C VAL A 22 -0.28 -0.94 17.07
N LYS A 23 -1.08 -1.91 16.66
CA LYS A 23 -0.79 -3.30 16.96
C LYS A 23 0.52 -3.76 16.34
N ASN A 24 0.89 -3.17 15.20
CA ASN A 24 2.07 -3.57 14.47
C ASN A 24 3.27 -2.62 14.57
N ASP A 25 3.18 -1.65 15.48
CA ASP A 25 4.29 -0.74 15.76
C ASP A 25 4.81 -0.04 14.50
N ILE A 26 3.87 0.38 13.66
CA ILE A 26 4.20 0.88 12.32
C ILE A 26 4.75 2.29 12.44
N GLU A 27 5.78 2.60 11.66
CA GLU A 27 6.28 3.96 11.49
C GLU A 27 5.66 4.55 10.22
N TYR A 28 5.11 5.76 10.33
CA TYR A 28 4.30 6.29 9.24
C TYR A 28 4.31 7.80 9.17
N VAL A 29 3.86 8.28 8.02
CA VAL A 29 3.44 9.61 7.83
C VAL A 29 2.05 9.57 7.19
N ILE A 30 1.08 10.11 7.88
CA ILE A 30 -0.24 10.23 7.34
C ILE A 30 -0.31 11.60 6.68
N LEU A 31 -0.61 11.65 5.40
CA LEU A 31 -0.54 12.86 4.63
C LEU A 31 -1.90 13.53 4.66
N SER A 32 -1.92 14.81 5.05
CA SER A 32 -3.11 15.63 4.98
C SER A 32 -3.54 15.86 3.55
N ARG A 33 -4.78 16.31 3.41
CA ARG A 33 -5.39 16.39 2.12
C ARG A 33 -4.64 17.41 1.29
N ARG A 34 -4.44 17.13 0.01
CA ARG A 34 -3.89 18.14 -0.90
C ARG A 34 -4.84 18.21 -2.11
N ASN A 35 -4.41 18.90 -3.14
CA ASN A 35 -5.17 19.00 -4.38
C ASN A 35 -5.57 17.64 -4.96
N HIS A 36 -4.67 16.68 -4.88
CA HIS A 36 -4.88 15.41 -5.53
C HIS A 36 -3.95 14.41 -4.90
N VAL A 37 -4.31 13.14 -4.95
CA VAL A 37 -3.46 12.09 -4.35
C VAL A 37 -2.04 12.06 -4.95
N ALA A 38 -1.92 12.38 -6.22
CA ALA A 38 -0.60 12.41 -6.85
C ALA A 38 0.32 13.42 -6.18
N VAL A 39 -0.24 14.54 -5.72
CA VAL A 39 0.56 15.52 -5.02
C VAL A 39 1.00 14.96 -3.68
N GLN A 40 0.10 14.27 -2.99
CA GLN A 40 0.50 13.60 -1.73
C GLN A 40 1.58 12.57 -1.95
N ARG A 41 1.49 11.79 -3.02
CA ARG A 41 2.52 10.77 -3.28
C ARG A 41 3.86 11.39 -3.61
N GLU A 42 3.87 12.51 -4.30
CA GLU A 42 5.14 13.19 -4.56
C GLU A 42 5.76 13.74 -3.29
N ILE A 43 4.96 14.35 -2.43
CA ILE A 43 5.42 14.82 -1.12
C ILE A 43 6.03 13.64 -0.35
N ALA A 44 5.34 12.51 -0.35
CA ALA A 44 5.83 11.28 0.32
C ALA A 44 7.22 10.91 -0.18
N LEU A 45 7.39 10.79 -1.50
CA LEU A 45 8.70 10.52 -2.12
C LEU A 45 9.79 11.51 -1.68
N ASP A 46 9.49 12.80 -1.71
CA ASP A 46 10.43 13.81 -1.23
C ASP A 46 10.86 13.63 0.22
N PHE A 48 10.54 10.80 2.04
CA PHE A 48 11.22 9.51 2.15
C PHE A 48 12.67 9.56 1.77
N LEU A 49 12.97 10.19 0.64
CA LEU A 49 14.34 10.21 0.13
C LEU A 49 15.30 10.89 1.10
N GLU A 50 14.81 11.88 1.84
CA GLU A 50 15.66 12.54 2.85
C GLU A 50 15.83 11.70 4.13
N LYS A 52 17.04 8.78 5.49
CA LYS A 52 17.96 7.71 5.06
C LYS A 52 17.94 6.45 5.91
N ASP A 53 17.35 6.50 7.09
CA ASP A 53 17.22 5.30 7.90
C ASP A 53 16.18 4.33 7.38
N TYR A 54 15.37 4.80 6.45
CA TYR A 54 14.29 3.98 5.93
C TYR A 54 14.70 3.45 4.58
N ASP A 55 14.49 2.15 4.38
CA ASP A 55 14.97 1.42 3.21
C ASP A 55 13.85 1.26 2.20
N THR A 56 12.61 1.28 2.70
CA THR A 56 11.45 0.95 1.92
C THR A 56 10.36 1.97 2.17
N LEU A 57 9.80 2.48 1.09
CA LEU A 57 8.63 3.34 1.15
C LEU A 57 7.44 2.45 0.89
N ALA A 58 6.55 2.35 1.88
CA ALA A 58 5.31 1.60 1.72
C ALA A 58 4.18 2.60 1.57
N PHE A 59 3.47 2.56 0.44
CA PHE A 59 2.18 3.31 0.32
C PHE A 59 1.03 2.43 0.76
N LEU A 60 0.19 2.97 1.63
CA LEU A 60 -0.99 2.33 2.14
C LEU A 60 -2.10 3.35 2.13
N ASP A 61 -3.13 3.10 1.29
CA ASP A 61 -4.28 3.99 1.22
C ASP A 61 -4.97 3.92 2.57
N GLU A 62 -5.55 5.04 2.97
CA GLU A 62 -6.19 5.12 4.30
C GLU A 62 -7.39 4.16 4.44
N ASP A 63 -7.94 3.67 3.34
CA ASP A 63 -9.01 2.68 3.41
C ASP A 63 -8.55 1.24 3.17
N VAL A 64 -7.24 1.02 3.19
CA VAL A 64 -6.69 -0.31 3.01
C VAL A 64 -6.04 -0.77 4.32
N VAL A 65 -6.47 -1.91 4.86
CA VAL A 65 -6.02 -2.39 6.16
C VAL A 65 -5.45 -3.78 6.01
N PRO A 66 -4.12 -3.89 6.08
CA PRO A 66 -3.51 -5.18 5.92
C PRO A 66 -3.95 -6.21 6.94
N ILE A 67 -4.11 -7.44 6.45
CA ILE A 67 -4.45 -8.56 7.31
C ILE A 67 -3.16 -9.16 7.84
N GLU A 68 -2.26 -9.49 6.94
CA GLU A 68 -0.94 -9.86 7.37
C GLU A 68 0.02 -9.33 6.35
N ILE A 69 1.21 -9.04 6.86
CA ILE A 69 2.34 -8.64 6.06
C ILE A 69 3.47 -9.56 6.53
N ASP A 70 4.00 -10.34 5.61
CA ASP A 70 5.21 -11.10 5.84
C ASP A 70 6.35 -10.23 5.29
N PHE A 71 6.94 -9.42 6.17
CA PHE A 71 7.96 -8.43 5.80
C PHE A 71 9.20 -9.09 5.26
N GLN A 72 9.48 -10.29 5.78
CA GLN A 72 10.63 -11.04 5.27
C GLN A 72 10.42 -11.50 3.82
N LYS A 73 9.20 -11.82 3.45
CA LYS A 73 8.91 -12.19 2.05
C LYS A 73 9.01 -10.98 1.11
N VAL A 74 8.54 -9.84 1.60
CA VAL A 74 8.76 -8.57 0.88
C VAL A 74 10.27 -8.30 0.72
N GLU A 75 11.00 -8.33 1.83
CA GLU A 75 12.44 -8.11 1.78
C GLU A 75 13.16 -9.08 0.87
N ALA A 76 12.75 -10.35 0.90
CA ALA A 76 13.32 -11.36 0.03
C ALA A 76 13.17 -10.96 -1.44
N LYS A 77 11.99 -10.49 -1.82
CA LYS A 77 11.75 -10.08 -3.22
C LYS A 77 12.66 -8.93 -3.62
N PHE A 78 12.84 -7.94 -2.75
CA PHE A 78 13.77 -6.82 -3.05
C PHE A 78 15.22 -7.36 -3.21
N ASN A 79 15.61 -8.28 -2.35
CA ASN A 79 16.97 -8.86 -2.37
C ASN A 79 17.18 -9.59 -3.68
N GLU A 80 16.13 -10.19 -4.20
CA GLU A 80 16.17 -10.94 -5.45
C GLU A 80 16.19 -10.05 -6.68
N GLY A 81 15.91 -8.76 -6.46
CA GLY A 81 16.08 -7.74 -7.48
C GLY A 81 14.81 -7.11 -7.95
N TYR A 82 13.71 -7.38 -7.27
CA TYR A 82 12.50 -6.60 -7.54
C TYR A 82 12.60 -5.18 -7.01
N ASP A 83 11.93 -4.25 -7.70
CA ASP A 83 11.86 -2.87 -7.26
C ASP A 83 10.62 -2.57 -6.43
N VAL A 84 9.53 -3.25 -6.72
CA VAL A 84 8.24 -2.93 -6.11
C VAL A 84 7.56 -4.25 -5.79
N VAL A 85 7.01 -4.34 -4.59
CA VAL A 85 6.26 -5.52 -4.16
C VAL A 85 4.82 -5.07 -3.85
N CYS A 86 3.85 -5.73 -4.47
CA CYS A 86 2.42 -5.33 -4.43
C CYS A 86 1.63 -6.29 -3.57
N GLY A 87 0.74 -5.73 -2.75
CA GLY A 87 -0.24 -6.51 -2.02
C GLY A 87 -1.64 -6.48 -2.63
N TYR A 88 -2.46 -7.38 -2.15
CA TYR A 88 -3.80 -7.56 -2.68
C TYR A 88 -4.89 -7.06 -1.82
N TYR A 89 -5.77 -6.29 -2.44
CA TYR A 89 -7.10 -6.00 -1.93
C TYR A 89 -8.05 -5.89 -3.13
N TYR A 90 -9.34 -6.12 -2.87
CA TYR A 90 -10.36 -6.02 -3.91
C TYR A 90 -10.77 -4.57 -4.09
N LEU A 91 -10.80 -4.15 -5.34
CA LEU A 91 -11.11 -2.75 -5.67
C LEU A 91 -12.57 -2.40 -5.39
N LYS A 92 -12.77 -1.18 -4.90
CA LYS A 92 -14.10 -0.62 -4.64
C LYS A 92 -14.81 -0.21 -5.93
N THR A 93 -14.05 -0.16 -7.03
CA THR A 93 -14.60 -0.07 -8.36
C THR A 93 -15.27 -1.38 -8.82
N LEU A 94 -15.04 -2.43 -8.05
CA LEU A 94 -15.51 -3.79 -8.30
C LEU A 94 -14.94 -4.42 -9.56
N ARG A 95 -13.82 -3.89 -10.02
CA ARG A 95 -13.27 -4.29 -11.32
C ARG A 95 -12.31 -5.49 -11.19
N GLY A 96 -11.91 -5.78 -9.96
CA GLY A 96 -11.01 -6.91 -9.68
C GLY A 96 -10.10 -6.53 -8.51
N TYR A 97 -8.97 -7.21 -8.42
CA TYR A 97 -7.94 -6.96 -7.41
C TYR A 97 -7.03 -5.84 -7.80
N SER A 98 -6.32 -5.34 -6.80
CA SER A 98 -5.43 -4.18 -6.91
C SER A 98 -4.13 -4.35 -7.70
N VAL A 99 -3.96 -5.45 -8.42
CA VAL A 99 -2.74 -5.63 -9.22
C VAL A 99 -3.18 -5.95 -10.62
N TYR A 100 -2.35 -5.61 -11.59
CA TYR A 100 -2.69 -5.89 -12.99
C TYR A 100 -1.54 -6.37 -13.84
N ARG A 101 -1.87 -7.19 -14.83
CA ARG A 101 -0.99 -7.46 -15.96
C ARG A 101 -1.65 -6.81 -17.16
N LYS A 102 -2.54 -7.51 -17.87
CA LYS A 102 -3.25 -6.89 -18.99
C LYS A 102 -4.45 -6.09 -18.49
N ASP A 103 -5.02 -6.54 -17.37
CA ASP A 103 -6.11 -5.85 -16.71
C ASP A 103 -6.07 -6.17 -15.20
N TRP A 104 -6.94 -5.53 -14.42
CA TRP A 104 -7.03 -5.83 -12.98
C TRP A 104 -7.23 -7.33 -12.88
N GLU A 105 -6.44 -7.96 -12.00
CA GLU A 105 -6.50 -9.40 -11.84
C GLU A 105 -7.81 -9.85 -11.24
N LYS A 106 -8.28 -11.01 -11.71
CA LYS A 106 -9.53 -11.58 -11.19
C LYS A 106 -9.29 -12.50 -9.98
N GLU A 107 -8.07 -13.01 -9.87
CA GLU A 107 -7.72 -13.94 -8.80
C GLU A 107 -6.33 -13.60 -8.22
N ILE A 108 -6.10 -14.02 -6.98
CA ILE A 108 -4.84 -13.78 -6.25
C ILE A 108 -3.80 -14.80 -6.68
N PHE A 109 -2.60 -14.33 -6.99
CA PHE A 109 -1.48 -15.24 -7.26
C PHE A 109 -0.14 -14.57 -6.93
N ASP A 110 0.86 -15.42 -6.65
CA ASP A 110 2.24 -14.98 -6.52
C ASP A 110 2.85 -14.96 -7.88
N GLY A 111 3.34 -13.80 -8.30
CA GLY A 111 3.96 -13.71 -9.60
C GLY A 111 4.33 -12.29 -9.96
N GLU A 112 5.14 -12.18 -11.01
CA GLU A 112 5.47 -10.89 -11.59
C GLU A 112 4.23 -10.25 -12.22
N VAL A 113 4.07 -8.94 -12.02
CA VAL A 113 2.93 -8.20 -12.61
C VAL A 113 3.44 -6.91 -13.26
N ASN A 114 2.57 -6.18 -13.95
CA ASN A 114 2.94 -4.88 -14.55
C ASN A 114 2.81 -3.70 -13.58
N GLY A 115 1.83 -3.76 -12.69
CA GLY A 115 1.70 -2.74 -11.67
C GLY A 115 0.54 -3.00 -10.73
N CYS A 116 0.20 -1.99 -9.95
CA CYS A 116 -0.91 -2.03 -9.01
C CYS A 116 -1.40 -0.60 -8.76
N GLY A 117 -2.38 -0.40 -7.86
CA GLY A 117 -2.98 0.93 -7.64
C GLY A 117 -2.30 1.90 -6.65
N LEU A 118 -1.16 1.50 -6.17
CA LEU A 118 -0.34 2.19 -5.15
C LEU A 118 -1.00 2.30 -3.77
N GLY A 119 -1.96 1.42 -3.49
CA GLY A 119 -2.63 1.42 -2.22
C GLY A 119 -2.13 0.43 -1.19
N PHE A 120 -1.19 -0.43 -1.58
CA PHE A 120 -0.64 -1.46 -0.69
C PHE A 120 0.61 -1.95 -1.34
N THR A 121 1.65 -1.14 -1.25
CA THR A 121 2.73 -1.25 -2.21
C THR A 121 4.03 -0.85 -1.55
N PHE A 122 5.06 -1.68 -1.68
CA PHE A 122 6.35 -1.46 -1.07
C PHE A 122 7.34 -1.16 -2.17
N ILE A 123 8.09 -0.06 -2.02
CA ILE A 123 9.02 0.36 -3.06
C ILE A 123 10.40 0.56 -2.45
N LYS A 124 11.41 -0.06 -3.04
CA LYS A 124 12.73 0.05 -2.44
C LYS A 124 13.47 1.36 -2.78
N ARG A 125 14.27 1.80 -1.82
CA ARG A 125 15.01 3.02 -1.98
C ARG A 125 15.89 3.07 -3.22
N GLU A 126 16.62 1.99 -3.46
CA GLU A 126 17.48 1.91 -4.62
C GLU A 126 16.78 2.33 -5.90
N PHE A 127 15.55 1.85 -6.08
CA PHE A 127 14.78 2.20 -7.26
C PHE A 127 14.38 3.68 -7.29
N LEU A 128 13.87 4.15 -6.16
CA LEU A 128 13.39 5.53 -6.04
C LEU A 128 14.52 6.56 -6.14
N GLU A 129 15.72 6.17 -5.75
CA GLU A 129 16.85 7.10 -5.85
C GLU A 129 17.34 7.26 -7.28
N LYS A 130 16.87 6.39 -8.15
CA LYS A 130 17.31 6.40 -9.56
C LYS A 130 16.29 7.06 -10.47
N ILE A 131 15.03 7.10 -10.05
CA ILE A 131 13.96 7.44 -10.99
C ILE A 131 13.99 8.94 -11.26
N LYS A 132 13.44 9.31 -12.40
CA LYS A 132 13.33 10.72 -12.71
C LYS A 132 12.25 11.30 -11.81
N ARG A 133 12.56 12.46 -11.20
CA ARG A 133 11.65 13.21 -10.33
C ARG A 133 11.25 14.52 -10.95
N PRO A 134 9.96 14.91 -10.82
CA PRO A 134 8.90 14.29 -10.00
C PRO A 134 8.31 13.00 -10.65
N ALA A 135 7.86 12.07 -9.80
CA ALA A 135 7.60 10.66 -10.16
C ALA A 135 6.13 10.24 -10.35
N PHE A 136 5.20 10.98 -9.74
CA PHE A 136 3.79 10.65 -9.80
C PHE A 136 3.01 11.76 -10.49
N LEU A 137 2.28 11.39 -11.52
CA LEU A 137 1.50 12.37 -12.28
C LEU A 137 0.15 11.78 -12.68
N ALA A 138 -0.90 12.58 -12.51
CA ALA A 138 -2.26 12.16 -12.83
C ALA A 138 -2.83 13.17 -13.80
N ILE A 148 -5.40 9.08 -16.89
CA ILE A 148 -5.68 8.17 -15.77
C ILE A 148 -4.74 8.52 -14.62
N GLY A 149 -4.77 7.68 -13.59
CA GLY A 149 -4.07 7.93 -12.36
C GLY A 149 -2.56 7.86 -12.41
N GLU A 150 -2.02 8.30 -11.28
CA GLU A 150 -0.59 8.33 -11.04
C GLU A 150 -0.04 6.93 -10.86
N ASP A 151 -0.92 5.98 -10.58
CA ASP A 151 -0.58 4.56 -10.46
C ASP A 151 -0.15 3.93 -11.80
N VAL A 152 -1.01 4.03 -12.82
CA VAL A 152 -0.65 3.53 -14.17
C VAL A 152 0.49 4.35 -14.75
N TYR A 153 0.46 5.65 -14.51
CA TYR A 153 1.58 6.50 -14.94
C TYR A 153 2.90 6.00 -14.35
N PHE A 154 2.92 5.82 -13.03
CA PHE A 154 4.15 5.44 -12.31
C PHE A 154 4.76 4.18 -12.92
N PHE A 155 3.93 3.15 -13.06
CA PHE A 155 4.38 1.88 -13.63
C PHE A 155 4.70 1.95 -15.12
N SER A 156 3.88 2.67 -15.88
CA SER A 156 4.10 2.72 -17.34
C SER A 156 5.35 3.52 -17.68
N THR A 157 5.62 4.53 -16.85
CA THR A 157 6.71 5.45 -17.12
C THR A 157 8.02 4.92 -16.59
N HIS A 158 8.00 4.43 -15.36
CA HIS A 158 9.24 4.05 -14.66
C HIS A 158 9.57 2.57 -14.69
N LYS A 159 8.60 1.76 -15.11
CA LYS A 159 8.81 0.31 -15.40
C LYS A 159 9.63 -0.42 -14.31
N PRO A 160 9.21 -0.31 -13.06
CA PRO A 160 9.87 -1.07 -12.00
C PRO A 160 9.68 -2.57 -12.20
N ARG A 161 10.66 -3.34 -11.79
CA ARG A 161 10.48 -4.78 -11.75
C ARG A 161 9.58 -5.05 -10.54
N THR A 162 8.39 -5.57 -10.83
CA THR A 162 7.27 -5.60 -9.91
C THR A 162 6.74 -7.04 -9.65
N TYR A 163 6.55 -7.38 -8.38
CA TYR A 163 6.07 -8.72 -7.97
C TYR A 163 4.88 -8.57 -7.04
N ALA A 164 3.85 -9.37 -7.28
CA ALA A 164 2.66 -9.43 -6.41
C ALA A 164 2.76 -10.68 -5.52
N LEU A 165 2.67 -10.48 -4.22
CA LEU A 165 2.71 -11.58 -3.24
C LEU A 165 1.33 -11.91 -2.75
N SER A 166 0.89 -13.15 -2.94
CA SER A 166 -0.36 -13.60 -2.36
C SER A 166 -0.41 -13.52 -0.83
N SER A 167 0.76 -13.48 -0.18
CA SER A 167 0.83 -13.40 1.27
C SER A 167 0.58 -11.98 1.80
N LEU A 168 0.39 -11.02 0.90
CA LEU A 168 0.06 -9.66 1.28
C LEU A 168 -1.38 -9.45 0.95
N LYS A 169 -2.22 -9.44 1.98
CA LYS A 169 -3.66 -9.30 1.81
C LYS A 169 -4.16 -8.23 2.75
N ALA A 170 -5.19 -7.52 2.29
CA ALA A 170 -5.79 -6.43 3.06
C ALA A 170 -7.30 -6.34 2.84
N TYR A 171 -8.01 -5.79 3.83
CA TYR A 171 -9.39 -5.36 3.64
C TYR A 171 -9.40 -3.99 2.97
N HIS A 172 -10.48 -3.72 2.20
CA HIS A 172 -10.66 -2.44 1.53
C HIS A 172 -11.97 -1.88 2.08
N PHE A 173 -11.84 -0.96 3.00
CA PHE A 173 -12.99 -0.42 3.70
C PHE A 173 -13.79 0.53 2.87
N ILE A 174 -15.11 0.38 2.99
CA ILE A 174 -16.07 1.19 2.27
C ILE A 174 -16.52 2.34 3.15
N ASP A 175 -16.96 2.03 4.35
CA ASP A 175 -17.16 3.04 5.36
C ASP A 175 -16.21 2.74 6.51
N GLU A 176 -16.51 3.23 7.71
CA GLU A 176 -15.61 3.02 8.82
C GLU A 176 -15.60 1.59 9.34
N ARG A 177 -16.59 0.79 8.95
CA ARG A 177 -16.81 -0.53 9.54
C ARG A 177 -16.92 -1.68 8.53
N LEU A 178 -17.49 -1.39 7.37
CA LEU A 178 -17.73 -2.40 6.35
C LEU A 178 -16.63 -2.39 5.31
N ALA A 179 -16.13 -3.58 5.01
CA ALA A 179 -15.04 -3.73 4.06
C ALA A 179 -15.22 -4.92 3.13
N LEU A 180 -14.60 -4.77 1.97
CA LEU A 180 -14.42 -5.88 1.05
C LEU A 180 -13.21 -6.67 1.47
N SER A 181 -13.40 -7.95 1.72
CA SER A 181 -12.33 -8.80 2.14
C SER A 181 -11.61 -9.36 0.91
N PRO A 182 -10.39 -9.84 1.11
CA PRO A 182 -9.73 -10.45 -0.07
C PRO A 182 -10.41 -11.69 -0.68
N ASP A 183 -11.34 -12.31 0.05
CA ASP A 183 -12.14 -13.44 -0.48
C ASP A 183 -13.42 -12.96 -1.14
N ARG A 184 -13.50 -11.66 -1.45
CA ARG A 184 -14.61 -11.01 -2.15
C ARG A 184 -15.92 -11.08 -1.38
N LYS A 185 -15.83 -11.00 -0.08
CA LYS A 185 -17.00 -10.99 0.77
C LYS A 185 -16.99 -9.68 1.49
N LEU A 186 -18.13 -9.28 2.00
CA LEU A 186 -18.18 -8.08 2.84
C LEU A 186 -18.00 -8.48 4.31
N ILE A 187 -17.16 -7.77 5.04
CA ILE A 187 -16.94 -8.06 6.47
C ILE A 187 -17.23 -6.79 7.23
N LEU A 188 -17.44 -6.92 8.52
CA LEU A 188 -17.72 -5.79 9.40
C LEU A 188 -16.76 -5.83 10.59
N GLN A 189 -16.08 -4.73 10.84
CA GLN A 189 -15.17 -4.58 11.95
C GLN A 189 -15.62 -3.40 12.78
N ASN A 190 -16.15 -3.62 13.97
CA ASN A 190 -16.68 -2.52 14.77
C ASN A 190 -16.13 -2.53 16.18
N ASP A 191 -14.91 -3.00 16.34
CA ASP A 191 -14.25 -3.01 17.63
C ASP A 191 -13.70 -1.64 18.00
N HIS A 192 -13.56 -1.42 19.31
CA HIS A 192 -12.84 -0.24 19.84
C HIS A 192 -11.38 -0.47 19.61
N VAL A 193 -10.62 0.61 19.67
CA VAL A 193 -9.18 0.57 19.40
C VAL A 193 -8.46 1.11 20.62
N ALA A 194 -7.54 0.33 21.15
CA ALA A 194 -6.86 0.66 22.40
C ALA A 194 -5.36 0.75 22.19
N ARG A 195 -4.78 1.71 22.87
CA ARG A 195 -3.33 1.79 23.02
C ARG A 195 -3.11 2.00 24.53
N ILE A 196 -2.80 0.90 25.19
CA ILE A 196 -2.73 0.88 26.65
C ILE A 196 -1.46 0.16 26.98
N LYS A 197 -0.60 0.81 27.76
CA LYS A 197 0.70 0.27 28.07
C LYS A 197 0.75 -0.32 29.47
N HIS A 198 -0.27 -0.09 30.31
CA HIS A 198 -0.21 -0.40 31.74
C HIS A 198 -1.43 -1.10 32.32
N HIS A 199 -2.08 -1.93 31.51
CA HIS A 199 -3.17 -2.77 32.02
C HIS A 199 -2.58 -4.03 32.68
N HIS A 200 -2.12 -3.87 33.92
CA HIS A 200 -1.48 -4.94 34.66
C HIS A 200 -2.51 -5.74 35.47
#